data_3C5N
#
_entry.id   3C5N
#
_cell.length_a   56.310
_cell.length_b   83.630
_cell.length_c   57.680
_cell.angle_alpha   90.000
_cell.angle_beta   94.010
_cell.angle_gamma   90.000
#
_symmetry.space_group_name_H-M   'P 1 21 1'
#
loop_
_entity.id
_entity.type
_entity.pdbx_description
1 polymer 'Tubby-related protein 1'
2 non-polymer D-MYO-INOSITOL-1,4,5-TRIPHOSPHATE
3 water water
#
_entity_poly.entity_id   1
_entity_poly.type   'polypeptide(L)'
_entity_poly.pdbx_seq_one_letter_code
;PREFVLRPAPQGRTVRCRLTRDKKGMDRGMYPSYFLHLDTEKKVFLLAGRKRKRSKTANYLISIDPTNLSRGGENFIGKL
RSNLLGNRFTVFDNGQNPQRGYSTNVASLRQELAAVIYETNVLGFRGPRRMTVIIPGMSAENERVPIRPRNASDGLLVRW
QNKTLESLIELHNKPPVWNDDSGSYTLNFQGRVTQASVKNFQIVHADDPDYIVLQFGRVAEDAFTLDYRYPLCALQAFAI
ALSSFD
;
_entity_poly.pdbx_strand_id   A,B
#
# COMPACT_ATOMS: atom_id res chain seq x y z
N PRO A 1 -8.00 -21.38 14.93
CA PRO A 1 -6.54 -21.46 14.75
C PRO A 1 -6.12 -21.67 13.31
N ARG A 2 -6.45 -22.81 12.73
CA ARG A 2 -6.15 -23.09 11.33
C ARG A 2 -6.58 -21.91 10.47
N GLU A 3 -7.78 -21.41 10.74
CA GLU A 3 -8.31 -20.20 10.11
C GLU A 3 -7.45 -19.02 10.44
N PHE A 4 -7.35 -18.75 11.74
CA PHE A 4 -6.68 -17.57 12.22
C PHE A 4 -5.28 -17.34 11.64
N VAL A 5 -4.40 -18.33 11.73
CA VAL A 5 -3.01 -18.13 11.33
C VAL A 5 -2.85 -17.87 9.85
N LEU A 6 -3.90 -18.10 9.07
CA LEU A 6 -3.87 -17.80 7.65
C LEU A 6 -4.58 -16.51 7.27
N ARG A 7 -5.19 -15.83 8.23
CA ARG A 7 -5.94 -14.62 7.88
C ARG A 7 -5.06 -13.37 7.96
N PRO A 8 -5.08 -12.54 6.92
CA PRO A 8 -4.38 -11.26 7.03
C PRO A 8 -4.86 -10.51 8.27
N ALA A 9 -3.94 -9.82 8.92
CA ALA A 9 -4.27 -9.02 10.08
C ALA A 9 -5.33 -8.01 9.69
N PRO A 10 -6.23 -7.70 10.62
CA PRO A 10 -7.22 -6.63 10.46
C PRO A 10 -6.60 -5.27 10.12
N GLN A 11 -7.26 -4.53 9.25
CA GLN A 11 -6.90 -3.14 8.95
C GLN A 11 -6.65 -2.31 10.20
N GLY A 12 -5.57 -1.56 10.18
CA GLY A 12 -5.24 -0.63 11.25
C GLY A 12 -4.68 -1.28 12.51
N ARG A 13 -4.57 -2.60 12.54
CA ARG A 13 -4.13 -3.26 13.77
C ARG A 13 -2.74 -3.85 13.68
N THR A 14 -2.08 -3.95 14.82
CA THR A 14 -0.81 -4.65 14.89
C THR A 14 -1.04 -5.86 15.79
N VAL A 15 -0.70 -7.04 15.30
CA VAL A 15 -0.85 -8.27 16.06
C VAL A 15 0.51 -8.57 16.70
N ARG A 16 0.58 -8.55 18.02
CA ARG A 16 1.86 -8.67 18.69
C ARG A 16 2.02 -10.04 19.32
N CYS A 17 3.16 -10.67 19.03
CA CYS A 17 3.40 -12.06 19.37
C CYS A 17 4.73 -12.20 20.06
N ARG A 18 4.92 -13.35 20.71
CA ARG A 18 6.15 -13.69 21.39
C ARG A 18 6.60 -15.03 20.82
N LEU A 19 7.84 -15.05 20.34
CA LEU A 19 8.41 -16.21 19.71
C LEU A 19 9.53 -16.69 20.59
N THR A 20 9.46 -17.95 20.94
CA THR A 20 10.43 -18.55 21.84
C THR A 20 11.06 -19.78 21.15
N ARG A 21 12.27 -20.13 21.57
CA ARG A 21 12.90 -21.38 21.06
C ARG A 21 13.46 -22.11 22.22
N ASP A 22 13.68 -23.41 22.03
CA ASP A 22 14.31 -24.24 23.05
C ASP A 22 15.62 -23.64 23.48
N LYS A 23 15.90 -23.64 24.79
CA LYS A 23 17.14 -23.11 25.33
C LYS A 23 18.30 -24.02 24.97
N MET A 30 22.21 -27.68 15.06
CA MET A 30 21.10 -28.18 15.87
C MET A 30 19.70 -27.93 15.28
N TYR A 31 18.72 -28.44 16.01
CA TYR A 31 17.33 -28.53 15.56
C TYR A 31 16.36 -28.23 16.69
N PRO A 32 16.46 -27.02 17.26
CA PRO A 32 15.52 -26.56 18.27
C PRO A 32 14.11 -26.36 17.73
N SER A 33 13.12 -26.55 18.59
CA SER A 33 11.77 -26.13 18.27
C SER A 33 11.58 -24.66 18.53
N TYR A 34 10.71 -24.04 17.73
CA TYR A 34 10.30 -22.65 17.88
C TYR A 34 8.77 -22.61 18.12
N PHE A 35 8.32 -21.68 18.96
CA PHE A 35 6.90 -21.52 19.28
C PHE A 35 6.51 -20.05 19.18
N LEU A 36 5.29 -19.82 18.72
CA LEU A 36 4.77 -18.45 18.61
C LEU A 36 3.46 -18.40 19.36
N HIS A 37 3.34 -17.45 20.27
CA HIS A 37 2.09 -17.16 20.98
C HIS A 37 1.70 -15.71 20.80
N LEU A 38 0.41 -15.39 20.94
CA LEU A 38 0.01 -14.00 21.02
C LEU A 38 0.59 -13.45 22.32
N ASP A 39 1.06 -12.21 22.29
CA ASP A 39 1.74 -11.59 23.44
C ASP A 39 0.70 -10.86 24.31
N THR A 40 -0.38 -11.55 24.62
N THR A 40 -0.34 -11.58 24.67
CA THR A 40 -1.36 -11.04 25.57
CA THR A 40 -1.30 -11.05 25.61
C THR A 40 -1.22 -11.80 26.88
C THR A 40 -0.92 -11.47 27.02
N GLU A 41 -1.84 -11.29 27.95
CA GLU A 41 -1.69 -11.88 29.26
C GLU A 41 -2.27 -13.31 29.21
N LYS A 42 -3.25 -13.52 28.34
CA LYS A 42 -3.68 -14.88 27.96
C LYS A 42 -2.89 -15.39 26.75
N LYS A 43 -1.66 -15.85 26.99
CA LYS A 43 -0.73 -16.17 25.89
C LYS A 43 -1.19 -17.31 24.94
N VAL A 44 -2.09 -17.02 23.98
CA VAL A 44 -2.63 -18.06 23.15
C VAL A 44 -1.63 -18.55 22.12
N PHE A 45 -1.55 -19.87 22.02
CA PHE A 45 -0.62 -20.49 21.09
C PHE A 45 -1.10 -20.33 19.69
N LEU A 46 -0.16 -20.03 18.80
CA LEU A 46 -0.44 -19.87 17.38
C LEU A 46 0.22 -20.94 16.51
N LEU A 47 1.55 -21.07 16.59
CA LEU A 47 2.32 -21.87 15.64
C LEU A 47 3.60 -22.36 16.26
N ALA A 48 4.09 -23.47 15.72
CA ALA A 48 5.38 -24.05 16.12
C ALA A 48 6.09 -24.52 14.87
N GLY A 49 7.43 -24.55 14.91
CA GLY A 49 8.21 -25.01 13.79
C GLY A 49 9.50 -25.65 14.25
N ARG A 50 10.05 -26.49 13.39
CA ARG A 50 11.31 -27.13 13.68
C ARG A 50 11.95 -27.52 12.35
N LYS A 51 13.26 -27.41 12.29
CA LYS A 51 14.04 -27.81 11.13
C LYS A 51 14.19 -29.31 11.04
N ARG A 52 13.98 -29.85 9.84
CA ARG A 52 14.11 -31.29 9.57
C ARG A 52 15.56 -31.65 9.32
N LYS A 53 16.09 -32.65 10.01
CA LYS A 53 17.48 -33.00 9.81
C LYS A 53 17.76 -33.70 8.46
N ARG A 54 16.79 -34.45 7.95
CA ARG A 54 17.04 -35.29 6.77
C ARG A 54 16.66 -34.60 5.45
N SER A 55 16.88 -33.29 5.39
CA SER A 55 16.70 -32.54 4.14
C SER A 55 18.04 -32.04 3.61
N LYS A 56 18.17 -32.08 2.29
CA LYS A 56 19.36 -31.53 1.62
C LYS A 56 19.50 -30.01 1.82
N THR A 57 18.38 -29.30 1.89
CA THR A 57 18.40 -27.87 2.16
C THR A 57 17.66 -27.58 3.48
N ALA A 58 17.76 -26.36 3.99
CA ALA A 58 17.08 -26.01 5.23
C ALA A 58 15.59 -26.16 4.96
N ASN A 59 14.92 -26.89 5.82
CA ASN A 59 13.54 -27.19 5.64
C ASN A 59 12.82 -27.24 7.01
N TYR A 60 11.95 -26.28 7.27
CA TYR A 60 11.24 -26.20 8.54
C TYR A 60 9.81 -26.61 8.32
N LEU A 61 9.35 -27.55 9.15
CA LEU A 61 7.94 -27.88 9.20
C LEU A 61 7.25 -26.98 10.24
N ILE A 62 6.09 -26.47 9.86
CA ILE A 62 5.33 -25.58 10.72
C ILE A 62 3.98 -26.21 11.02
N SER A 63 3.55 -26.10 12.28
CA SER A 63 2.41 -26.86 12.80
C SER A 63 1.52 -25.99 13.67
N ILE A 64 0.22 -26.32 13.75
CA ILE A 64 -0.68 -25.67 14.71
C ILE A 64 -0.88 -26.53 15.97
N ASP A 65 -0.05 -27.56 16.09
CA ASP A 65 0.01 -28.38 17.30
C ASP A 65 1.44 -28.35 17.82
N PRO A 66 1.67 -27.67 18.96
CA PRO A 66 3.03 -27.46 19.49
C PRO A 66 3.66 -28.75 19.95
N THR A 67 2.86 -29.77 20.18
CA THR A 67 3.39 -31.07 20.59
C THR A 67 3.64 -32.03 19.41
N ASN A 68 3.36 -31.58 18.19
CA ASN A 68 3.39 -32.43 16.98
C ASN A 68 3.68 -31.61 15.69
N ASN A 75 -2.34 -31.53 11.67
CA ASN A 75 -1.97 -30.21 12.15
C ASN A 75 -0.76 -29.58 11.42
N PHE A 76 -0.24 -30.24 10.39
CA PHE A 76 0.79 -29.64 9.53
C PHE A 76 0.17 -28.52 8.70
N ILE A 77 0.73 -27.31 8.81
CA ILE A 77 0.09 -26.13 8.24
C ILE A 77 0.98 -25.40 7.23
N GLY A 78 2.28 -25.67 7.24
CA GLY A 78 3.14 -25.02 6.26
C GLY A 78 4.59 -25.42 6.36
N LYS A 79 5.42 -24.86 5.48
CA LYS A 79 6.80 -25.29 5.36
C LYS A 79 7.62 -24.10 4.91
N LEU A 80 8.82 -23.98 5.48
CA LEU A 80 9.81 -23.02 5.04
C LEU A 80 10.96 -23.78 4.42
N ARG A 81 11.23 -23.53 3.13
CA ARG A 81 12.30 -24.28 2.47
C ARG A 81 13.34 -23.34 1.88
N SER A 82 14.61 -23.59 2.12
CA SER A 82 15.62 -22.76 1.50
C SER A 82 16.10 -23.38 0.21
N ASN A 83 16.76 -22.56 -0.60
CA ASN A 83 17.42 -23.04 -1.78
C ASN A 83 18.72 -23.71 -1.37
N LEU A 84 19.36 -24.34 -2.35
CA LEU A 84 20.62 -25.03 -2.13
C LEU A 84 21.64 -24.09 -1.49
N LEU A 85 21.79 -22.89 -2.05
CA LEU A 85 22.79 -21.95 -1.54
C LEU A 85 22.53 -21.56 -0.07
N GLY A 86 21.26 -21.45 0.33
CA GLY A 86 20.91 -21.07 1.69
C GLY A 86 20.49 -19.62 1.96
N ASN A 87 20.46 -18.77 0.92
CA ASN A 87 20.17 -17.35 1.05
C ASN A 87 18.80 -17.00 0.52
N ARG A 88 18.08 -18.00 0.01
CA ARG A 88 16.75 -17.75 -0.47
C ARG A 88 15.81 -18.78 0.13
N PHE A 89 14.60 -18.34 0.45
CA PHE A 89 13.59 -19.18 1.06
C PHE A 89 12.22 -19.04 0.41
N THR A 90 11.46 -20.11 0.37
CA THR A 90 10.05 -20.05 0.05
C THR A 90 9.21 -20.59 1.19
N VAL A 91 8.07 -19.95 1.44
CA VAL A 91 7.09 -20.40 2.40
C VAL A 91 5.91 -21.00 1.66
N PHE A 92 5.56 -22.24 2.00
CA PHE A 92 4.41 -22.97 1.44
C PHE A 92 3.37 -23.23 2.49
N ASP A 93 2.12 -23.31 2.05
CA ASP A 93 1.05 -23.89 2.88
C ASP A 93 1.21 -25.41 2.90
N ASN A 94 0.17 -26.14 3.30
CA ASN A 94 0.30 -27.58 3.53
C ASN A 94 -0.04 -28.44 2.31
N GLY A 95 -0.13 -27.80 1.15
CA GLY A 95 -0.56 -28.54 -0.02
C GLY A 95 0.49 -29.43 -0.63
N GLN A 96 0.12 -30.14 -1.70
CA GLN A 96 1.06 -31.07 -2.35
C GLN A 96 2.00 -30.38 -3.32
N ASN A 97 3.24 -30.86 -3.40
CA ASN A 97 4.19 -30.46 -4.44
C ASN A 97 3.73 -31.07 -5.76
N PRO A 98 3.47 -30.24 -6.77
CA PRO A 98 2.91 -30.71 -8.05
C PRO A 98 3.86 -31.73 -8.72
N GLN A 99 5.16 -31.51 -8.58
CA GLN A 99 6.15 -32.43 -9.16
C GLN A 99 6.07 -33.84 -8.57
N ARG A 100 5.38 -34.00 -7.45
CA ARG A 100 5.25 -35.29 -6.80
C ARG A 100 3.99 -36.05 -7.25
N GLY A 101 3.18 -35.43 -8.09
CA GLY A 101 1.96 -36.03 -8.55
C GLY A 101 1.16 -35.08 -9.43
N TYR A 102 1.37 -35.19 -10.74
CA TYR A 102 0.71 -34.30 -11.70
C TYR A 102 -0.80 -34.45 -11.82
N SER A 103 -1.37 -35.54 -11.34
CA SER A 103 -2.82 -35.74 -11.50
C SER A 103 -3.61 -35.19 -10.32
N THR A 104 -2.90 -34.55 -9.39
CA THR A 104 -3.53 -34.07 -8.19
C THR A 104 -4.44 -32.86 -8.48
N ASN A 105 -5.60 -32.84 -7.85
CA ASN A 105 -6.55 -31.73 -7.95
C ASN A 105 -5.89 -30.39 -7.65
N VAL A 106 -6.08 -29.42 -8.53
CA VAL A 106 -5.41 -28.14 -8.43
C VAL A 106 -5.58 -27.55 -7.04
N ALA A 107 -6.79 -27.63 -6.50
CA ALA A 107 -7.05 -27.11 -5.14
C ALA A 107 -6.19 -27.72 -4.04
N SER A 108 -5.66 -28.91 -4.27
CA SER A 108 -4.84 -29.55 -3.25
C SER A 108 -3.38 -29.26 -3.42
N LEU A 109 -3.02 -28.53 -4.46
CA LEU A 109 -1.63 -28.19 -4.67
C LEU A 109 -1.18 -27.05 -3.74
N ARG A 110 0.08 -27.10 -3.34
CA ARG A 110 0.59 -26.12 -2.38
C ARG A 110 0.63 -24.73 -2.97
N GLN A 111 0.34 -23.75 -2.15
CA GLN A 111 0.55 -22.38 -2.58
C GLN A 111 1.78 -21.82 -1.96
N GLU A 112 2.30 -20.79 -2.61
CA GLU A 112 3.46 -20.06 -2.13
C GLU A 112 2.98 -18.80 -1.43
N LEU A 113 3.33 -18.68 -0.17
CA LEU A 113 2.83 -17.63 0.70
C LEU A 113 3.83 -16.51 0.88
N ALA A 114 5.12 -16.77 0.65
CA ALA A 114 6.14 -15.76 0.80
C ALA A 114 7.47 -16.29 0.26
N ALA A 115 8.37 -15.38 -0.05
CA ALA A 115 9.73 -15.71 -0.33
C ALA A 115 10.60 -14.66 0.29
N VAL A 116 11.79 -15.06 0.69
CA VAL A 116 12.75 -14.19 1.35
C VAL A 116 14.10 -14.36 0.64
N ILE A 117 14.69 -13.25 0.23
CA ILE A 117 16.02 -13.26 -0.35
C ILE A 117 16.95 -12.44 0.57
N TYR A 118 18.01 -13.05 1.07
CA TYR A 118 19.01 -12.38 1.85
C TYR A 118 20.25 -12.06 1.02
N GLU A 119 20.81 -10.87 1.22
CA GLU A 119 22.12 -10.57 0.66
C GLU A 119 23.16 -11.22 1.56
N THR A 120 24.29 -11.60 0.98
CA THR A 120 25.32 -12.25 1.74
C THR A 120 26.40 -11.24 2.12
N ASN A 121 26.77 -11.26 3.40
CA ASN A 121 27.75 -10.32 3.92
C ASN A 121 29.17 -10.80 3.72
N VAL A 122 30.11 -9.88 3.75
CA VAL A 122 31.50 -10.30 3.65
C VAL A 122 31.82 -11.16 4.87
N LEU A 123 32.58 -12.22 4.66
CA LEU A 123 32.95 -13.12 5.74
C LEU A 123 33.58 -12.32 6.84
N GLY A 127 26.78 -9.49 11.05
CA GLY A 127 26.00 -8.27 11.08
C GLY A 127 24.66 -8.47 10.37
N PRO A 128 23.81 -7.43 10.35
CA PRO A 128 22.51 -7.54 9.66
C PRO A 128 22.70 -7.82 8.17
N ARG A 129 21.82 -8.64 7.59
CA ARG A 129 21.83 -8.87 6.15
C ARG A 129 20.67 -8.12 5.53
N ARG A 130 20.87 -7.54 4.35
CA ARG A 130 19.73 -6.89 3.70
C ARG A 130 18.76 -7.98 3.25
N MET A 131 17.47 -7.72 3.35
CA MET A 131 16.43 -8.71 3.05
C MET A 131 15.43 -8.12 2.07
N THR A 132 15.01 -8.97 1.13
CA THR A 132 13.84 -8.70 0.31
C THR A 132 12.77 -9.78 0.62
N VAL A 133 11.54 -9.36 0.82
CA VAL A 133 10.41 -10.27 1.09
C VAL A 133 9.37 -10.04 -0.02
N ILE A 134 8.93 -11.11 -0.68
CA ILE A 134 7.94 -11.06 -1.76
C ILE A 134 6.75 -11.89 -1.29
N ILE A 135 5.55 -11.35 -1.42
CA ILE A 135 4.33 -12.08 -1.05
C ILE A 135 3.25 -11.91 -2.10
N PRO A 136 2.23 -12.78 -2.05
CA PRO A 136 1.17 -12.59 -3.05
C PRO A 136 0.44 -11.29 -2.83
N GLY A 137 -0.04 -10.71 -3.92
CA GLY A 137 -0.83 -9.51 -3.84
C GLY A 137 -2.20 -9.77 -3.24
N MET A 138 -2.89 -8.70 -2.89
CA MET A 138 -4.20 -8.80 -2.23
C MET A 138 -5.23 -8.14 -3.13
N SER A 139 -6.48 -8.60 -3.00
CA SER A 139 -7.58 -7.98 -3.72
C SER A 139 -8.05 -6.69 -3.03
N ALA A 140 -9.02 -5.99 -3.62
CA ALA A 140 -9.65 -4.85 -2.96
C ALA A 140 -10.58 -5.36 -1.85
N GLU A 141 -10.82 -6.68 -1.88
CA GLU A 141 -11.50 -7.41 -0.81
C GLU A 141 -10.54 -7.66 0.37
N ASN A 142 -9.26 -7.37 0.17
CA ASN A 142 -8.26 -7.57 1.21
C ASN A 142 -8.09 -9.03 1.59
N GLU A 143 -8.22 -9.90 0.59
CA GLU A 143 -7.80 -11.28 0.77
C GLU A 143 -6.70 -11.65 -0.23
N ARG A 144 -5.99 -12.73 0.02
CA ARG A 144 -4.81 -13.08 -0.79
C ARG A 144 -5.22 -13.57 -2.15
N VAL A 145 -4.49 -13.16 -3.17
CA VAL A 145 -4.66 -13.74 -4.48
C VAL A 145 -3.64 -14.85 -4.58
N PRO A 146 -4.09 -16.11 -4.51
CA PRO A 146 -3.19 -17.26 -4.32
C PRO A 146 -2.28 -17.54 -5.50
N ILE A 147 -1.06 -17.98 -5.20
CA ILE A 147 -0.09 -18.39 -6.20
C ILE A 147 0.18 -19.85 -5.97
N ARG A 148 -0.23 -20.64 -6.96
CA ARG A 148 -0.25 -22.10 -6.84
C ARG A 148 0.35 -22.65 -8.12
N PRO A 149 1.68 -22.78 -8.18
CA PRO A 149 2.38 -23.22 -9.38
C PRO A 149 2.01 -24.64 -9.77
N ARG A 150 1.94 -24.90 -11.07
CA ARG A 150 1.62 -26.23 -11.56
C ARG A 150 2.92 -26.99 -11.83
N ASN A 151 4.01 -26.24 -11.76
CA ASN A 151 5.34 -26.82 -11.90
C ASN A 151 6.37 -25.81 -11.39
N ALA A 152 7.62 -26.20 -11.26
CA ALA A 152 8.63 -25.32 -10.68
C ALA A 152 9.15 -24.26 -11.68
N SER A 153 8.43 -24.05 -12.77
CA SER A 153 8.78 -23.01 -13.73
C SER A 153 8.02 -21.73 -13.42
N ASP A 154 7.31 -21.74 -12.30
CA ASP A 154 6.63 -20.57 -11.81
C ASP A 154 6.61 -20.60 -10.30
N GLY A 155 6.40 -19.44 -9.70
CA GLY A 155 6.52 -19.30 -8.26
C GLY A 155 6.97 -17.88 -7.90
N LEU A 156 7.10 -17.60 -6.60
CA LEU A 156 7.45 -16.25 -6.17
C LEU A 156 8.89 -15.86 -6.55
N LEU A 157 9.85 -16.72 -6.24
CA LEU A 157 11.24 -16.43 -6.59
C LEU A 157 11.41 -16.32 -8.08
N VAL A 158 10.73 -17.18 -8.83
CA VAL A 158 10.77 -17.12 -10.28
C VAL A 158 10.28 -15.79 -10.84
N ARG A 159 9.13 -15.33 -10.38
CA ARG A 159 8.58 -14.05 -10.83
C ARG A 159 9.51 -12.91 -10.42
N TRP A 160 10.04 -12.98 -9.21
CA TRP A 160 11.01 -12.02 -8.76
C TRP A 160 12.21 -11.92 -9.72
N GLN A 161 12.88 -13.03 -9.98
CA GLN A 161 14.06 -12.93 -10.84
C GLN A 161 13.67 -12.46 -12.24
N ASN A 162 12.45 -12.77 -12.68
CA ASN A 162 12.00 -12.37 -14.03
C ASN A 162 11.51 -10.94 -14.04
N LYS A 163 11.32 -10.42 -12.83
CA LYS A 163 10.75 -9.09 -12.60
C LYS A 163 9.36 -8.98 -13.23
N THR A 164 8.53 -9.99 -13.01
CA THR A 164 7.12 -9.91 -13.36
C THR A 164 6.31 -9.83 -12.05
N LEU A 165 6.21 -8.62 -11.52
CA LEU A 165 5.75 -8.44 -10.14
C LEU A 165 4.31 -7.95 -10.02
N GLU A 166 3.53 -8.06 -11.10
CA GLU A 166 2.17 -7.55 -11.11
C GLU A 166 1.30 -8.09 -9.98
N SER A 167 1.24 -9.41 -9.85
CA SER A 167 0.38 -10.06 -8.87
C SER A 167 1.01 -10.13 -7.48
N LEU A 168 2.12 -9.41 -7.27
CA LEU A 168 2.90 -9.56 -6.05
C LEU A 168 3.09 -8.26 -5.28
N ILE A 169 3.57 -8.40 -4.06
CA ILE A 169 4.00 -7.28 -3.27
C ILE A 169 5.45 -7.45 -2.84
N GLU A 170 6.26 -6.42 -3.08
CA GLU A 170 7.67 -6.40 -2.69
C GLU A 170 7.92 -5.54 -1.46
N LEU A 171 8.71 -6.07 -0.53
CA LEU A 171 9.03 -5.42 0.73
C LEU A 171 10.51 -5.60 0.98
N HIS A 172 11.07 -4.74 1.82
CA HIS A 172 12.45 -4.88 2.21
C HIS A 172 12.63 -4.54 3.67
N ASN A 173 13.77 -4.89 4.26
CA ASN A 173 14.06 -4.43 5.60
C ASN A 173 14.38 -2.93 5.58
N LYS A 174 13.93 -2.23 6.61
CA LYS A 174 14.18 -0.80 6.73
C LYS A 174 15.61 -0.54 7.23
N PRO A 175 16.38 0.31 6.52
CA PRO A 175 17.75 0.65 6.94
C PRO A 175 17.73 1.35 8.28
N PRO A 176 18.62 0.93 9.18
CA PRO A 176 18.67 1.61 10.47
C PRO A 176 19.18 3.04 10.31
N VAL A 177 18.87 3.86 11.31
CA VAL A 177 19.21 5.28 11.29
C VAL A 177 19.91 5.69 12.56
N TRP A 178 20.63 6.81 12.51
CA TRP A 178 21.40 7.28 13.66
C TRP A 178 20.49 7.73 14.80
N ASN A 179 20.72 7.14 15.97
CA ASN A 179 20.01 7.52 17.17
C ASN A 179 21.04 8.30 17.97
N ASP A 180 20.89 9.62 17.98
CA ASP A 180 21.89 10.53 18.54
C ASP A 180 21.92 10.37 20.05
N ASP A 181 20.86 9.81 20.60
CA ASP A 181 20.75 9.62 22.04
C ASP A 181 21.43 8.34 22.54
N SER A 182 21.55 7.33 21.68
CA SER A 182 22.10 6.05 22.09
C SER A 182 23.41 5.74 21.34
N GLY A 183 23.80 6.67 20.48
CA GLY A 183 25.05 6.55 19.75
C GLY A 183 25.14 5.24 19.00
N SER A 184 24.10 4.98 18.19
CA SER A 184 24.01 3.75 17.46
C SER A 184 23.13 3.91 16.21
N TYR A 185 23.40 3.07 15.22
CA TYR A 185 22.49 2.89 14.09
C TYR A 185 21.47 1.84 14.51
N THR A 186 20.21 2.26 14.60
CA THR A 186 19.16 1.37 15.07
C THR A 186 17.79 1.82 14.56
N LEU A 187 16.76 1.16 15.03
CA LEU A 187 15.41 1.49 14.63
C LEU A 187 14.61 1.74 15.90
N ASN A 188 13.46 2.40 15.79
CA ASN A 188 12.60 2.57 16.96
C ASN A 188 11.65 1.41 17.04
N PHE A 189 11.92 0.47 17.95
CA PHE A 189 11.15 -0.76 18.04
C PHE A 189 10.05 -0.58 19.09
N GLN A 190 9.94 0.64 19.64
CA GLN A 190 8.86 0.99 20.53
C GLN A 190 8.90 0.11 21.79
N GLY A 191 10.09 -0.21 22.25
CA GLY A 191 10.23 -1.05 23.43
C GLY A 191 10.00 -2.54 23.27
N ARG A 192 9.78 -2.99 22.03
CA ARG A 192 9.46 -4.37 21.77
C ARG A 192 10.72 -5.19 21.60
N VAL A 193 11.85 -4.52 21.44
CA VAL A 193 13.11 -5.19 21.18
C VAL A 193 14.16 -4.56 22.05
N THR A 194 14.77 -5.35 22.91
CA THR A 194 15.63 -4.81 23.95
C THR A 194 17.09 -5.27 23.93
N GLN A 195 17.45 -6.18 23.03
CA GLN A 195 18.83 -6.62 22.92
C GLN A 195 19.29 -6.59 21.49
N ALA A 196 20.55 -6.23 21.29
CA ALA A 196 21.16 -6.20 19.97
C ALA A 196 21.24 -7.59 19.38
N SER A 197 20.95 -7.68 18.08
CA SER A 197 20.89 -8.97 17.40
C SER A 197 20.91 -8.74 15.93
N VAL A 198 21.58 -9.61 15.19
CA VAL A 198 21.55 -9.52 13.75
C VAL A 198 20.16 -9.89 13.23
N LYS A 199 19.30 -10.39 14.12
CA LYS A 199 17.98 -10.84 13.70
C LYS A 199 16.96 -9.72 13.82
N ASN A 200 17.36 -8.58 14.40
CA ASN A 200 16.43 -7.48 14.63
C ASN A 200 16.09 -6.80 13.29
N PHE A 201 14.82 -6.68 12.95
CA PHE A 201 14.45 -6.03 11.70
C PHE A 201 13.07 -5.44 11.67
N GLN A 202 12.87 -4.49 10.76
CA GLN A 202 11.54 -4.05 10.38
C GLN A 202 11.42 -4.20 8.87
N ILE A 203 10.29 -4.75 8.45
CA ILE A 203 10.00 -4.92 7.04
C ILE A 203 8.97 -3.89 6.62
N VAL A 204 9.27 -3.14 5.56
CA VAL A 204 8.38 -2.10 5.07
C VAL A 204 8.26 -2.16 3.57
N HIS A 205 7.21 -1.54 3.08
CA HIS A 205 7.06 -1.25 1.67
C HIS A 205 7.74 0.08 1.29
N ALA A 206 8.26 0.16 0.08
CA ALA A 206 8.87 1.41 -0.42
C ALA A 206 7.95 2.64 -0.29
N ASP A 207 6.65 2.43 -0.43
CA ASP A 207 5.72 3.57 -0.44
C ASP A 207 5.48 4.16 0.96
N ASP A 208 5.87 3.46 2.01
CA ASP A 208 5.65 3.98 3.36
C ASP A 208 6.65 3.45 4.37
N PRO A 209 7.73 4.19 4.60
CA PRO A 209 8.74 3.61 5.50
C PRO A 209 8.30 3.59 6.94
N ASP A 210 7.13 4.14 7.24
CA ASP A 210 6.66 4.16 8.61
C ASP A 210 5.55 3.16 8.91
N TYR A 211 5.07 2.45 7.91
CA TYR A 211 4.09 1.42 8.13
C TYR A 211 4.88 0.09 8.34
N ILE A 212 4.93 -0.38 9.58
CA ILE A 212 5.83 -1.52 9.86
C ILE A 212 5.04 -2.82 9.62
N VAL A 213 5.26 -3.43 8.47
CA VAL A 213 4.55 -4.65 8.09
C VAL A 213 4.94 -5.83 9.00
N LEU A 214 6.21 -5.90 9.36
CA LEU A 214 6.68 -6.99 10.23
C LEU A 214 7.86 -6.47 11.05
N GLN A 215 7.83 -6.68 12.35
CA GLN A 215 8.90 -6.31 13.23
C GLN A 215 9.34 -7.54 14.02
N PHE A 216 10.65 -7.78 14.11
CA PHE A 216 11.15 -8.94 14.81
C PHE A 216 12.35 -8.49 15.58
N GLY A 217 12.49 -8.98 16.80
CA GLY A 217 13.70 -8.67 17.54
C GLY A 217 13.84 -9.40 18.85
N ARG A 218 15.05 -9.35 19.37
CA ARG A 218 15.39 -10.09 20.57
C ARG A 218 15.00 -9.37 21.88
N VAL A 219 14.39 -10.09 22.81
CA VAL A 219 14.11 -9.57 24.16
C VAL A 219 14.82 -10.40 25.24
N ALA A 220 15.36 -11.55 24.86
CA ALA A 220 16.11 -12.39 25.80
C ALA A 220 16.93 -13.47 25.09
N GLU A 221 17.60 -14.32 25.85
CA GLU A 221 18.48 -15.29 25.21
C GLU A 221 17.72 -16.17 24.22
N ASP A 222 16.50 -16.51 24.56
CA ASP A 222 15.75 -17.43 23.69
C ASP A 222 14.32 -16.94 23.44
N ALA A 223 14.12 -15.63 23.53
CA ALA A 223 12.81 -15.03 23.34
C ALA A 223 12.90 -13.78 22.49
N PHE A 224 11.89 -13.60 21.65
CA PHE A 224 11.82 -12.55 20.63
C PHE A 224 10.41 -12.04 20.53
N THR A 225 10.22 -10.82 20.04
CA THR A 225 8.89 -10.35 19.77
C THR A 225 8.74 -10.37 18.27
N LEU A 226 7.53 -10.59 17.80
CA LEU A 226 7.23 -10.65 16.36
C LEU A 226 5.86 -10.03 16.17
N ASP A 227 5.84 -8.86 15.53
CA ASP A 227 4.61 -8.10 15.44
C ASP A 227 4.31 -7.87 13.99
N TYR A 228 3.11 -8.24 13.57
CA TYR A 228 2.78 -8.13 12.17
C TYR A 228 1.53 -7.31 11.91
N ARG A 229 1.47 -6.75 10.71
CA ARG A 229 0.33 -5.96 10.27
C ARG A 229 -0.12 -6.41 8.90
N TYR A 230 -1.29 -5.96 8.52
CA TYR A 230 -1.81 -6.20 7.18
C TYR A 230 -0.78 -5.71 6.19
N PRO A 231 -0.54 -6.47 5.13
CA PRO A 231 -1.27 -7.63 4.62
C PRO A 231 -0.84 -9.01 5.12
N LEU A 232 0.11 -9.10 6.04
CA LEU A 232 0.54 -10.42 6.48
C LEU A 232 -0.44 -11.16 7.41
N CYS A 233 -0.41 -12.48 7.34
CA CYS A 233 -0.99 -13.36 8.36
C CYS A 233 0.10 -13.95 9.21
N ALA A 234 -0.30 -14.65 10.26
CA ALA A 234 0.67 -15.15 11.23
C ALA A 234 1.62 -16.16 10.63
N LEU A 235 1.13 -17.00 9.73
CA LEU A 235 2.00 -18.03 9.11
C LEU A 235 3.12 -17.37 8.29
N GLN A 236 2.79 -16.35 7.48
CA GLN A 236 3.81 -15.65 6.73
C GLN A 236 4.81 -15.00 7.71
N ALA A 237 4.30 -14.34 8.74
CA ALA A 237 5.17 -13.61 9.68
C ALA A 237 6.15 -14.59 10.38
N PHE A 238 5.60 -15.69 10.88
CA PHE A 238 6.39 -16.71 11.60
C PHE A 238 7.46 -17.28 10.69
N ALA A 239 7.09 -17.66 9.48
CA ALA A 239 8.07 -18.29 8.55
C ALA A 239 9.17 -17.31 8.15
N ILE A 240 8.80 -16.04 7.91
CA ILE A 240 9.78 -15.03 7.58
C ILE A 240 10.74 -14.91 8.75
N ALA A 241 10.22 -14.84 9.98
CA ALA A 241 11.09 -14.77 11.16
C ALA A 241 11.99 -16.01 11.23
N LEU A 242 11.45 -17.19 11.03
CA LEU A 242 12.29 -18.40 11.13
C LEU A 242 13.48 -18.36 10.16
N SER A 243 13.28 -17.79 8.98
CA SER A 243 14.33 -17.73 7.96
C SER A 243 15.55 -16.98 8.49
N SER A 244 15.37 -16.15 9.51
CA SER A 244 16.47 -15.30 9.98
C SER A 244 17.36 -16.07 10.93
N PHE A 245 16.93 -17.22 11.40
CA PHE A 245 17.76 -18.02 12.28
C PHE A 245 18.75 -18.80 11.41
N ASP A 246 19.80 -19.35 11.99
CA ASP A 246 20.64 -20.20 11.12
C ASP A 246 21.84 -20.82 11.82
N PRO B 1 -21.76 19.67 -19.38
CA PRO B 1 -21.91 18.77 -18.22
C PRO B 1 -20.83 17.68 -18.20
N ARG B 2 -20.96 16.70 -19.08
CA ARG B 2 -19.84 15.84 -19.36
C ARG B 2 -18.68 16.69 -19.85
N GLU B 3 -18.99 17.80 -20.52
CA GLU B 3 -17.91 18.69 -20.91
C GLU B 3 -17.50 19.56 -19.73
N PHE B 4 -18.48 20.04 -18.97
CA PHE B 4 -18.18 20.99 -17.90
C PHE B 4 -17.17 20.43 -16.90
N VAL B 5 -17.31 19.15 -16.54
CA VAL B 5 -16.49 18.60 -15.43
C VAL B 5 -15.04 18.32 -15.88
N LEU B 6 -14.82 18.34 -17.20
CA LEU B 6 -13.46 18.19 -17.71
C LEU B 6 -12.82 19.54 -18.05
N ARG B 7 -13.61 20.61 -18.01
CA ARG B 7 -13.13 21.94 -18.39
C ARG B 7 -12.34 22.62 -17.28
N PRO B 8 -11.11 23.05 -17.57
CA PRO B 8 -10.39 23.83 -16.56
C PRO B 8 -11.23 25.06 -16.19
N ALA B 9 -11.24 25.40 -14.92
CA ALA B 9 -11.99 26.58 -14.46
C ALA B 9 -11.58 27.81 -15.25
N PRO B 10 -12.55 28.70 -15.47
CA PRO B 10 -12.20 29.92 -16.19
C PRO B 10 -11.24 30.79 -15.42
N GLN B 11 -10.31 31.41 -16.13
CA GLN B 11 -9.30 32.23 -15.49
C GLN B 11 -9.96 33.28 -14.61
N GLY B 12 -9.40 33.46 -13.42
CA GLY B 12 -9.87 34.47 -12.48
C GLY B 12 -11.04 34.03 -11.63
N ARG B 13 -11.60 32.85 -11.88
CA ARG B 13 -12.80 32.40 -11.15
C ARG B 13 -12.50 31.33 -10.08
N THR B 14 -13.37 31.23 -9.09
CA THR B 14 -13.30 30.16 -8.08
C THR B 14 -14.62 29.43 -8.22
N VAL B 15 -14.56 28.15 -8.52
CA VAL B 15 -15.73 27.33 -8.64
C VAL B 15 -15.96 26.69 -7.30
N ARG B 16 -17.04 27.10 -6.64
CA ARG B 16 -17.35 26.63 -5.30
C ARG B 16 -18.40 25.53 -5.29
N CYS B 17 -18.08 24.42 -4.60
CA CYS B 17 -18.90 23.20 -4.58
C CYS B 17 -19.11 22.70 -3.15
N ARG B 18 -20.14 21.86 -2.99
CA ARG B 18 -20.40 21.16 -1.75
C ARG B 18 -20.25 19.67 -2.05
N LEU B 19 -19.47 18.96 -1.25
CA LEU B 19 -19.25 17.53 -1.42
C LEU B 19 -19.92 16.86 -0.23
N THR B 20 -20.86 15.98 -0.54
CA THR B 20 -21.64 15.28 0.49
C THR B 20 -21.32 13.80 0.46
N ARG B 21 -21.10 13.22 1.64
CA ARG B 21 -20.89 11.80 1.76
C ARG B 21 -22.19 11.16 2.26
N ASP B 22 -22.60 10.09 1.61
CA ASP B 22 -23.78 9.35 2.09
C ASP B 22 -23.27 8.01 2.58
N LYS B 23 -23.25 7.87 3.90
CA LYS B 23 -22.90 6.61 4.54
C LYS B 23 -24.19 5.84 4.79
N TYR B 31 -20.01 0.38 0.48
CA TYR B 31 -19.13 1.54 0.65
C TYR B 31 -19.91 2.86 0.56
N PRO B 32 -19.43 3.89 1.28
CA PRO B 32 -20.18 5.14 1.19
C PRO B 32 -20.07 5.76 -0.20
N SER B 33 -21.06 6.58 -0.50
CA SER B 33 -21.17 7.26 -1.80
C SER B 33 -20.79 8.71 -1.60
N TYR B 34 -20.28 9.35 -2.63
CA TYR B 34 -19.89 10.72 -2.54
C TYR B 34 -20.47 11.50 -3.69
N PHE B 35 -21.01 12.69 -3.38
CA PHE B 35 -21.62 13.53 -4.39
C PHE B 35 -21.07 14.96 -4.37
N LEU B 36 -20.86 15.50 -5.55
CA LEU B 36 -20.42 16.86 -5.71
C LEU B 36 -21.48 17.69 -6.44
N HIS B 37 -21.86 18.80 -5.85
CA HIS B 37 -22.82 19.75 -6.41
C HIS B 37 -22.23 21.15 -6.38
N LEU B 38 -22.62 22.01 -7.30
CA LEU B 38 -22.26 23.40 -7.16
C LEU B 38 -22.91 23.96 -5.89
N ASP B 39 -22.20 24.86 -5.20
CA ASP B 39 -22.61 25.40 -3.92
C ASP B 39 -23.39 26.70 -4.07
N THR B 40 -24.16 26.80 -5.13
CA THR B 40 -24.99 27.98 -5.38
C THR B 40 -26.49 27.72 -5.13
N GLU B 41 -27.32 28.64 -5.63
CA GLU B 41 -28.79 28.57 -5.49
C GLU B 41 -29.44 27.28 -5.99
N LYS B 42 -28.96 26.82 -7.13
N LYS B 42 -29.00 26.81 -7.15
CA LYS B 42 -29.57 25.74 -7.88
CA LYS B 42 -29.64 25.68 -7.82
C LYS B 42 -29.01 24.35 -7.50
C LYS B 42 -29.07 24.34 -7.37
N LYS B 43 -27.81 24.36 -6.94
CA LYS B 43 -27.14 23.15 -6.44
C LYS B 43 -26.95 22.08 -7.51
N VAL B 44 -26.55 22.47 -8.71
CA VAL B 44 -26.52 21.52 -9.79
C VAL B 44 -25.51 20.41 -9.56
N PHE B 45 -25.97 19.19 -9.79
CA PHE B 45 -25.15 18.01 -9.66
C PHE B 45 -24.02 18.05 -10.68
N LEU B 46 -22.82 17.70 -10.22
CA LEU B 46 -21.64 17.57 -11.07
C LEU B 46 -21.13 16.14 -11.22
N LEU B 47 -20.82 15.47 -10.10
CA LEU B 47 -20.18 14.16 -10.14
C LEU B 47 -20.57 13.31 -8.94
N ALA B 48 -20.55 11.99 -9.13
CA ALA B 48 -20.68 11.03 -8.03
C ALA B 48 -19.50 10.10 -8.03
N GLY B 49 -19.10 9.64 -6.85
CA GLY B 49 -18.01 8.68 -6.72
C GLY B 49 -18.41 7.55 -5.79
N ARG B 50 -17.98 6.34 -6.10
CA ARG B 50 -18.28 5.18 -5.28
C ARG B 50 -17.12 4.20 -5.33
N LYS B 51 -16.72 3.64 -4.20
CA LYS B 51 -15.69 2.62 -4.19
C LYS B 51 -16.25 1.42 -4.93
N ARG B 52 -15.42 0.73 -5.70
CA ARG B 52 -15.87 -0.47 -6.39
C ARG B 52 -15.47 -1.70 -5.58
N LYS B 53 -16.45 -2.56 -5.30
CA LYS B 53 -16.25 -3.68 -4.39
C LYS B 53 -15.24 -4.69 -4.89
N ARG B 54 -15.38 -5.12 -6.15
CA ARG B 54 -14.55 -6.19 -6.67
C ARG B 54 -13.59 -5.72 -7.75
N SER B 55 -12.34 -5.48 -7.36
CA SER B 55 -11.25 -5.19 -8.28
C SER B 55 -9.95 -5.71 -7.69
N LYS B 56 -8.92 -5.84 -8.52
CA LYS B 56 -7.62 -6.28 -8.05
C LYS B 56 -6.93 -5.14 -7.30
N THR B 57 -7.53 -3.96 -7.38
CA THR B 57 -6.95 -2.75 -6.83
C THR B 57 -8.06 -1.93 -6.16
N ALA B 58 -7.71 -1.10 -5.17
CA ALA B 58 -8.69 -0.23 -4.53
C ALA B 58 -8.99 0.95 -5.43
N ASN B 59 -10.27 1.20 -5.73
CA ASN B 59 -10.57 2.32 -6.60
C ASN B 59 -11.98 2.83 -6.51
N TYR B 60 -12.14 4.13 -6.75
CA TYR B 60 -13.45 4.74 -6.92
C TYR B 60 -13.73 4.93 -8.37
N LEU B 61 -14.93 4.60 -8.81
CA LEU B 61 -15.41 5.01 -10.11
C LEU B 61 -16.15 6.32 -9.99
N ILE B 62 -16.00 7.16 -10.99
CA ILE B 62 -16.56 8.50 -10.94
C ILE B 62 -17.51 8.67 -12.13
N SER B 63 -18.70 9.21 -11.89
CA SER B 63 -19.75 9.25 -12.91
C SER B 63 -20.46 10.58 -12.95
N ILE B 64 -21.04 10.84 -14.09
CA ILE B 64 -21.79 12.06 -14.29
C ILE B 64 -23.29 11.82 -14.18
N ASP B 65 -23.65 10.64 -13.69
CA ASP B 65 -25.02 10.44 -13.28
C ASP B 65 -25.09 10.13 -11.79
N PRO B 66 -26.03 10.78 -11.10
CA PRO B 66 -26.18 10.58 -9.65
C PRO B 66 -26.36 9.13 -9.23
N THR B 67 -27.08 8.33 -10.02
CA THR B 67 -27.51 7.00 -9.63
C THR B 67 -27.33 6.02 -10.80
N ASN B 75 -21.89 7.02 -18.79
CA ASN B 75 -21.87 7.71 -17.48
C ASN B 75 -20.55 7.68 -16.70
N PHE B 76 -19.75 6.64 -16.87
CA PHE B 76 -18.44 6.50 -16.23
C PHE B 76 -17.51 7.52 -16.86
N ILE B 77 -16.92 8.38 -16.05
CA ILE B 77 -16.06 9.43 -16.59
C ILE B 77 -14.64 9.43 -16.00
N GLY B 78 -14.41 8.69 -14.92
CA GLY B 78 -13.09 8.72 -14.28
C GLY B 78 -12.94 7.67 -13.21
N LYS B 79 -11.72 7.52 -12.75
CA LYS B 79 -11.38 6.52 -11.76
C LYS B 79 -10.29 7.08 -10.85
N LEU B 80 -10.41 6.85 -9.56
CA LEU B 80 -9.31 7.14 -8.64
C LEU B 80 -8.81 5.82 -8.13
N ARG B 81 -7.54 5.55 -8.38
CA ARG B 81 -6.91 4.30 -8.01
C ARG B 81 -5.88 4.51 -6.88
N SER B 82 -5.94 3.68 -5.85
CA SER B 82 -5.07 3.79 -4.69
C SER B 82 -4.00 2.69 -4.74
N ASN B 83 -2.88 2.91 -4.10
CA ASN B 83 -1.97 1.78 -3.88
C ASN B 83 -2.37 1.03 -2.62
N LEU B 84 -1.60 0.01 -2.29
CA LEU B 84 -1.89 -0.84 -1.17
C LEU B 84 -1.92 -0.02 0.11
N LEU B 85 -0.98 0.93 0.25
CA LEU B 85 -0.81 1.67 1.49
C LEU B 85 -1.70 2.91 1.60
N GLY B 86 -2.53 3.15 0.57
CA GLY B 86 -3.47 4.26 0.61
C GLY B 86 -2.86 5.63 0.69
N ASN B 87 -1.64 5.78 0.15
CA ASN B 87 -0.94 7.06 0.17
C ASN B 87 -0.33 7.44 -1.18
N ARG B 88 -0.67 6.69 -2.22
CA ARG B 88 -0.28 7.04 -3.59
C ARG B 88 -1.50 6.79 -4.50
N PHE B 89 -1.91 7.80 -5.27
CA PHE B 89 -3.15 7.73 -6.02
C PHE B 89 -2.93 8.21 -7.43
N THR B 90 -3.64 7.59 -8.35
CA THR B 90 -3.69 8.11 -9.71
C THR B 90 -5.13 8.36 -10.08
N VAL B 91 -5.37 9.47 -10.77
CA VAL B 91 -6.71 9.76 -11.32
C VAL B 91 -6.66 9.57 -12.80
N PHE B 92 -7.53 8.71 -13.30
CA PHE B 92 -7.64 8.40 -14.73
C PHE B 92 -8.94 8.94 -15.26
N ASP B 93 -8.98 9.21 -16.56
CA ASP B 93 -10.28 9.35 -17.22
C ASP B 93 -10.85 7.97 -17.52
N ASN B 94 -11.78 7.92 -18.46
CA ASN B 94 -12.51 6.70 -18.73
C ASN B 94 -11.98 5.92 -19.93
N GLY B 95 -10.77 6.23 -20.37
CA GLY B 95 -10.23 5.55 -21.54
C GLY B 95 -9.67 4.18 -21.22
N GLN B 96 -9.28 3.49 -22.27
CA GLN B 96 -8.77 2.13 -22.16
C GLN B 96 -7.31 2.10 -21.76
N ASN B 97 -6.99 1.20 -20.84
CA ASN B 97 -5.61 0.86 -20.60
C ASN B 97 -4.99 0.28 -21.86
N PRO B 98 -3.97 0.93 -22.41
CA PRO B 98 -3.37 0.41 -23.64
C PRO B 98 -2.91 -1.04 -23.50
N GLN B 99 -2.46 -1.44 -22.31
CA GLN B 99 -1.99 -2.81 -22.11
C GLN B 99 -3.06 -3.86 -22.35
N ARG B 100 -4.32 -3.46 -22.26
CA ARG B 100 -5.43 -4.37 -22.51
C ARG B 100 -5.77 -4.50 -23.99
N GLY B 101 -5.15 -3.68 -24.82
CA GLY B 101 -5.48 -3.65 -26.24
C GLY B 101 -4.64 -2.68 -27.03
N TYR B 102 -3.54 -3.19 -27.60
CA TYR B 102 -2.58 -2.40 -28.35
C TYR B 102 -3.09 -1.63 -29.56
N SER B 103 -4.16 -2.11 -30.17
CA SER B 103 -4.61 -1.60 -31.47
C SER B 103 -5.56 -0.42 -31.28
N THR B 104 -5.90 -0.09 -30.04
CA THR B 104 -6.88 0.96 -29.78
C THR B 104 -6.38 2.34 -30.22
N ASN B 105 -7.30 3.12 -30.74
CA ASN B 105 -7.04 4.50 -31.13
C ASN B 105 -6.43 5.27 -29.96
N VAL B 106 -5.40 6.06 -30.24
CA VAL B 106 -4.70 6.77 -29.17
C VAL B 106 -5.64 7.69 -28.42
N ALA B 107 -6.59 8.33 -29.12
CA ALA B 107 -7.51 9.24 -28.48
C ALA B 107 -8.42 8.55 -27.45
N SER B 108 -8.54 7.24 -27.58
CA SER B 108 -9.40 6.45 -26.71
C SER B 108 -8.62 5.82 -25.54
N LEU B 109 -7.31 5.99 -25.51
CA LEU B 109 -6.49 5.39 -24.48
C LEU B 109 -6.60 6.22 -23.20
N ARG B 110 -6.47 5.60 -22.05
CA ARG B 110 -6.79 6.35 -20.86
C ARG B 110 -5.73 7.39 -20.56
N GLN B 111 -6.17 8.53 -20.06
CA GLN B 111 -5.28 9.57 -19.62
C GLN B 111 -5.11 9.52 -18.14
N GLU B 112 -3.96 10.00 -17.67
CA GLU B 112 -3.79 10.33 -16.26
C GLU B 112 -4.04 11.81 -16.05
N LEU B 113 -4.96 12.13 -15.14
CA LEU B 113 -5.36 13.51 -14.95
C LEU B 113 -4.75 14.09 -13.69
N ALA B 114 -4.24 13.22 -12.81
CA ALA B 114 -3.54 13.67 -11.64
C ALA B 114 -2.93 12.51 -10.92
N ALA B 115 -1.94 12.82 -10.11
CA ALA B 115 -1.46 11.92 -9.10
C ALA B 115 -1.40 12.65 -7.76
N VAL B 116 -1.72 11.92 -6.69
CA VAL B 116 -1.62 12.45 -5.34
C VAL B 116 -0.71 11.55 -4.48
N ILE B 117 0.21 12.20 -3.78
CA ILE B 117 1.21 11.55 -2.96
C ILE B 117 1.12 12.11 -1.55
N TYR B 118 0.82 11.25 -0.59
CA TYR B 118 0.83 11.64 0.81
C TYR B 118 2.06 11.06 1.49
N GLU B 119 2.83 11.92 2.15
CA GLU B 119 4.02 11.47 2.85
C GLU B 119 3.97 11.95 4.31
N THR B 120 4.58 11.18 5.21
CA THR B 120 4.65 11.65 6.56
C THR B 120 5.67 12.76 6.57
N ASN B 121 5.31 13.87 7.18
CA ASN B 121 6.25 14.95 7.38
C ASN B 121 7.29 14.54 8.40
N VAL B 122 8.55 14.85 8.11
CA VAL B 122 9.63 14.48 9.01
C VAL B 122 9.90 15.62 9.98
N LEU B 123 9.47 16.83 9.64
CA LEU B 123 9.54 17.97 10.55
C LEU B 123 8.16 18.36 11.05
N GLY B 124 8.10 18.87 12.28
CA GLY B 124 6.83 19.20 12.89
C GLY B 124 6.25 20.51 12.40
N PHE B 125 5.01 20.76 12.80
CA PHE B 125 4.36 22.06 12.64
C PHE B 125 3.99 22.35 11.18
N ARG B 126 3.81 21.30 10.38
CA ARG B 126 3.28 21.47 9.04
C ARG B 126 2.26 20.41 8.65
N GLY B 127 1.73 19.73 9.64
CA GLY B 127 0.62 18.81 9.42
C GLY B 127 1.13 17.40 9.46
N PRO B 128 0.22 16.42 9.55
CA PRO B 128 0.68 15.03 9.59
C PRO B 128 1.36 14.66 8.30
N ARG B 129 0.70 15.07 7.21
CA ARG B 129 1.04 14.63 5.87
C ARG B 129 1.42 15.80 4.96
N ARG B 130 2.55 15.63 4.28
CA ARG B 130 2.90 16.39 3.11
C ARG B 130 2.07 15.80 1.98
N MET B 131 1.36 16.64 1.29
CA MET B 131 0.59 16.23 0.12
C MET B 131 1.21 16.84 -1.11
N THR B 132 1.53 16.02 -2.08
CA THR B 132 1.96 16.51 -3.37
C THR B 132 0.97 16.09 -4.46
N VAL B 133 0.62 17.01 -5.36
CA VAL B 133 -0.30 16.74 -6.45
C VAL B 133 0.42 17.06 -7.75
N ILE B 134 0.44 16.09 -8.67
CA ILE B 134 1.03 16.27 -9.96
C ILE B 134 -0.12 16.24 -10.97
N ILE B 135 -0.14 17.23 -11.85
CA ILE B 135 -1.13 17.23 -12.92
C ILE B 135 -0.49 17.57 -14.26
N PRO B 136 -1.16 17.19 -15.34
CA PRO B 136 -0.61 17.51 -16.66
C PRO B 136 -0.44 19.00 -16.78
N GLY B 137 0.55 19.44 -17.56
CA GLY B 137 0.74 20.86 -17.79
C GLY B 137 -0.27 21.37 -18.81
N MET B 138 -0.29 22.67 -19.01
CA MET B 138 -1.32 23.30 -19.82
C MET B 138 -0.71 24.00 -21.06
N SER B 139 -1.50 24.15 -22.10
CA SER B 139 -1.02 24.79 -23.33
C SER B 139 -1.31 26.29 -23.30
N ALA B 140 -0.96 26.96 -24.39
CA ALA B 140 -1.21 28.40 -24.53
C ALA B 140 -2.69 28.67 -24.71
N GLU B 141 -3.44 27.65 -25.11
CA GLU B 141 -4.89 27.73 -25.23
C GLU B 141 -5.55 27.37 -23.90
N ASN B 142 -4.75 27.31 -22.83
CA ASN B 142 -5.25 26.98 -21.50
C ASN B 142 -6.07 25.69 -21.46
N GLU B 143 -5.60 24.67 -22.16
CA GLU B 143 -6.16 23.33 -22.08
C GLU B 143 -5.06 22.36 -21.67
N ARG B 144 -5.44 21.18 -21.17
CA ARG B 144 -4.47 20.21 -20.73
C ARG B 144 -3.72 19.61 -21.92
N VAL B 145 -2.41 19.44 -21.77
CA VAL B 145 -1.62 18.57 -22.62
C VAL B 145 -1.72 17.14 -22.10
N PRO B 146 -2.38 16.27 -22.86
CA PRO B 146 -2.77 14.98 -22.30
C PRO B 146 -1.56 14.13 -21.99
N ILE B 147 -1.67 13.32 -20.94
CA ILE B 147 -0.64 12.36 -20.57
C ILE B 147 -1.29 10.99 -20.76
N ARG B 148 -0.80 10.21 -21.72
CA ARG B 148 -1.36 8.86 -21.99
C ARG B 148 -0.25 7.84 -22.00
N PRO B 149 0.11 7.33 -20.82
CA PRO B 149 1.19 6.35 -20.72
C PRO B 149 0.88 5.12 -21.56
N ARG B 150 1.88 4.42 -22.07
CA ARG B 150 1.54 3.26 -22.89
C ARG B 150 1.90 1.95 -22.23
N ASN B 151 2.16 2.04 -20.95
CA ASN B 151 2.27 0.89 -20.08
C ASN B 151 2.75 1.39 -18.72
N ALA B 152 2.89 0.48 -17.76
CA ALA B 152 3.25 0.87 -16.40
C ALA B 152 4.64 1.51 -16.31
N SER B 153 5.26 1.73 -17.47
CA SER B 153 6.59 2.35 -17.52
C SER B 153 6.56 3.87 -17.34
N ASP B 154 5.55 4.51 -17.94
CA ASP B 154 5.35 5.96 -17.80
C ASP B 154 4.06 6.20 -17.01
N GLY B 155 3.93 7.39 -16.44
CA GLY B 155 2.82 7.66 -15.53
C GLY B 155 3.23 8.79 -14.62
N LEU B 156 2.25 9.51 -14.08
CA LEU B 156 2.50 10.67 -13.21
C LEU B 156 3.28 10.25 -11.96
N LEU B 157 2.89 9.16 -11.31
CA LEU B 157 3.60 8.74 -10.10
C LEU B 157 5.04 8.42 -10.41
N VAL B 158 5.24 7.77 -11.55
CA VAL B 158 6.59 7.37 -11.98
C VAL B 158 7.46 8.58 -12.24
N ARG B 159 6.94 9.57 -12.97
CA ARG B 159 7.66 10.80 -13.23
C ARG B 159 7.92 11.54 -11.91
N TRP B 160 7.03 11.40 -10.94
CA TRP B 160 7.27 12.05 -9.66
C TRP B 160 8.43 11.35 -8.99
N GLN B 161 8.40 10.03 -9.01
CA GLN B 161 9.41 9.22 -8.36
C GLN B 161 10.77 9.41 -9.02
N ASN B 162 10.74 9.61 -10.33
CA ASN B 162 11.97 9.72 -11.12
C ASN B 162 12.43 11.16 -11.19
N LYS B 163 11.62 12.05 -10.66
CA LYS B 163 11.91 13.48 -10.69
C LYS B 163 12.09 13.96 -12.13
N THR B 164 11.20 13.54 -13.02
CA THR B 164 11.18 14.05 -14.38
C THR B 164 9.88 14.81 -14.65
N LEU B 165 9.73 16.01 -14.09
CA LEU B 165 8.44 16.66 -14.13
C LEU B 165 8.35 17.83 -15.11
N GLU B 166 9.19 17.80 -16.13
CA GLU B 166 9.39 18.96 -16.99
C GLU B 166 8.10 19.65 -17.40
N SER B 167 7.28 18.99 -18.22
CA SER B 167 6.09 19.63 -18.75
C SER B 167 4.84 19.40 -17.90
N LEU B 168 5.03 19.15 -16.60
CA LEU B 168 3.94 18.90 -15.66
C LEU B 168 3.83 20.03 -14.66
N ILE B 169 2.78 20.02 -13.84
CA ILE B 169 2.61 21.02 -12.79
C ILE B 169 2.62 20.32 -11.45
N GLU B 170 3.46 20.80 -10.56
CA GLU B 170 3.63 20.26 -9.20
C GLU B 170 3.01 21.20 -8.19
N LEU B 171 2.09 20.67 -7.39
CA LEU B 171 1.42 21.40 -6.34
C LEU B 171 1.59 20.72 -4.96
N HIS B 172 1.46 21.50 -3.89
CA HIS B 172 1.62 20.98 -2.54
C HIS B 172 0.60 21.59 -1.63
N ASN B 173 0.33 20.93 -0.53
CA ASN B 173 -0.46 21.58 0.49
C ASN B 173 0.27 22.74 1.11
N LYS B 174 -0.49 23.74 1.50
CA LYS B 174 0.06 24.90 2.18
C LYS B 174 0.05 24.59 3.67
N PRO B 175 1.21 24.73 4.32
CA PRO B 175 1.19 24.53 5.76
C PRO B 175 0.75 25.83 6.40
N PRO B 176 0.07 25.73 7.53
CA PRO B 176 -0.18 26.82 8.48
C PRO B 176 0.92 27.86 8.54
N VAL B 177 0.51 29.10 8.34
CA VAL B 177 1.39 30.24 8.47
C VAL B 177 1.30 30.59 9.94
N LEU B 187 -4.62 28.16 8.81
CA LEU B 187 -4.96 28.62 7.41
C LEU B 187 -6.31 29.35 7.27
N ASN B 188 -6.35 30.33 6.37
CA ASN B 188 -7.56 31.10 6.20
C ASN B 188 -8.44 30.53 5.11
N PHE B 189 -9.47 29.80 5.54
CA PHE B 189 -10.37 29.13 4.59
C PHE B 189 -11.54 30.04 4.21
N GLN B 190 -11.51 31.27 4.72
CA GLN B 190 -12.51 32.28 4.36
C GLN B 190 -13.93 31.81 4.73
N GLY B 191 -14.06 31.14 5.86
CA GLY B 191 -15.34 30.66 6.31
C GLY B 191 -15.90 29.45 5.56
N ARG B 192 -15.14 28.90 4.61
CA ARG B 192 -15.63 27.78 3.84
C ARG B 192 -15.50 26.45 4.58
N VAL B 193 -14.73 26.45 5.64
CA VAL B 193 -14.35 25.24 6.37
C VAL B 193 -14.47 25.55 7.84
N THR B 194 -15.30 24.79 8.55
CA THR B 194 -15.78 25.20 9.87
C THR B 194 -15.53 24.18 10.95
N GLN B 195 -15.06 23.01 10.56
CA GLN B 195 -14.82 21.95 11.56
C GLN B 195 -13.44 21.37 11.36
N ALA B 196 -12.83 20.99 12.46
CA ALA B 196 -11.52 20.38 12.43
C ALA B 196 -11.58 19.07 11.63
N SER B 197 -10.53 18.76 10.87
CA SER B 197 -10.52 17.57 10.03
C SER B 197 -9.15 17.34 9.48
N VAL B 198 -8.70 16.09 9.47
N VAL B 198 -8.72 16.07 9.49
CA VAL B 198 -7.43 15.75 8.87
CA VAL B 198 -7.48 15.64 8.87
C VAL B 198 -7.58 15.81 7.35
C VAL B 198 -7.57 15.92 7.37
N LYS B 199 -8.80 16.08 6.89
CA LYS B 199 -9.06 16.26 5.46
C LYS B 199 -8.91 17.71 4.99
N ASN B 200 -8.82 18.67 5.90
CA ASN B 200 -8.81 20.08 5.51
C ASN B 200 -7.48 20.42 4.85
N PHE B 201 -7.54 21.04 3.68
CA PHE B 201 -6.33 21.38 2.94
C PHE B 201 -6.50 22.55 1.97
N GLN B 202 -5.38 23.20 1.69
CA GLN B 202 -5.26 24.12 0.55
C GLN B 202 -4.05 23.66 -0.25
N ILE B 203 -4.24 23.54 -1.57
CA ILE B 203 -3.24 23.16 -2.53
C ILE B 203 -2.81 24.41 -3.29
N VAL B 204 -1.50 24.64 -3.34
CA VAL B 204 -0.92 25.80 -4.04
C VAL B 204 0.28 25.38 -4.88
N HIS B 205 0.63 26.23 -5.82
CA HIS B 205 1.92 26.14 -6.49
C HIS B 205 2.91 26.89 -5.63
N ALA B 206 4.09 26.32 -5.46
CA ALA B 206 5.11 26.90 -4.57
C ALA B 206 5.49 28.32 -4.94
N ASP B 207 5.32 28.68 -6.22
CA ASP B 207 5.72 30.01 -6.71
C ASP B 207 4.66 31.05 -6.40
N ASP B 208 3.50 30.60 -5.92
CA ASP B 208 2.50 31.58 -5.50
C ASP B 208 1.59 31.05 -4.42
N PRO B 209 2.00 31.19 -3.18
CA PRO B 209 1.31 30.51 -2.07
C PRO B 209 -0.01 31.19 -1.73
N ASP B 210 -0.29 32.32 -2.35
CA ASP B 210 -1.54 33.02 -2.09
C ASP B 210 -2.66 32.75 -3.12
N TYR B 211 -2.39 31.92 -4.13
CA TYR B 211 -3.40 31.52 -5.08
C TYR B 211 -3.76 30.11 -4.76
N ILE B 212 -4.96 29.93 -4.24
CA ILE B 212 -5.37 28.60 -3.79
C ILE B 212 -6.00 27.84 -4.94
N VAL B 213 -5.26 26.89 -5.49
CA VAL B 213 -5.72 26.08 -6.59
C VAL B 213 -6.87 25.16 -6.19
N LEU B 214 -6.82 24.57 -5.01
CA LEU B 214 -7.85 23.67 -4.54
C LEU B 214 -7.95 23.79 -3.03
N GLN B 215 -9.15 24.04 -2.52
CA GLN B 215 -9.43 24.09 -1.10
C GLN B 215 -10.52 23.08 -0.78
N PHE B 216 -10.30 22.32 0.29
CA PHE B 216 -11.23 21.31 0.73
C PHE B 216 -11.30 21.32 2.23
N GLY B 217 -12.51 21.17 2.76
CA GLY B 217 -12.62 20.99 4.20
C GLY B 217 -13.99 20.70 4.74
N ARG B 218 -14.04 20.35 6.02
CA ARG B 218 -15.26 19.85 6.63
C ARG B 218 -16.18 20.99 7.11
N VAL B 219 -17.47 20.88 6.80
CA VAL B 219 -18.48 21.74 7.38
C VAL B 219 -19.58 21.02 8.16
N ALA B 220 -19.63 19.70 8.08
CA ALA B 220 -20.58 18.90 8.84
C ALA B 220 -20.08 17.46 8.94
N GLU B 221 -20.83 16.61 9.67
CA GLU B 221 -20.47 15.21 9.80
C GLU B 221 -20.24 14.57 8.43
N ASP B 222 -21.06 14.91 7.45
CA ASP B 222 -20.96 14.25 6.15
C ASP B 222 -20.93 15.26 4.99
N ALA B 223 -20.45 16.47 5.24
CA ALA B 223 -20.40 17.47 4.19
C ALA B 223 -19.15 18.32 4.26
N PHE B 224 -18.70 18.74 3.10
CA PHE B 224 -17.43 19.39 2.94
C PHE B 224 -17.63 20.42 1.87
N THR B 225 -16.80 21.46 1.85
CA THR B 225 -16.71 22.33 0.68
C THR B 225 -15.49 22.00 -0.15
N LEU B 226 -15.61 22.24 -1.44
CA LEU B 226 -14.55 21.94 -2.39
C LEU B 226 -14.54 23.05 -3.42
N ASP B 227 -13.49 23.86 -3.42
CA ASP B 227 -13.48 25.07 -4.23
C ASP B 227 -12.22 24.98 -5.08
N TYR B 228 -12.38 25.13 -6.39
CA TYR B 228 -11.23 24.94 -7.25
C TYR B 228 -11.08 26.09 -8.24
N ARG B 229 -9.85 26.28 -8.67
CA ARG B 229 -9.46 27.33 -9.64
C ARG B 229 -8.62 26.72 -10.74
N TYR B 230 -8.44 27.49 -11.80
CA TYR B 230 -7.53 27.15 -12.89
C TYR B 230 -6.17 26.83 -12.30
N PRO B 231 -5.50 25.78 -12.81
CA PRO B 231 -5.80 25.01 -14.01
C PRO B 231 -6.72 23.81 -13.83
N LEU B 232 -7.26 23.57 -12.63
CA LEU B 232 -8.03 22.36 -12.42
C LEU B 232 -9.45 22.35 -13.01
N CYS B 233 -9.94 21.16 -13.34
CA CYS B 233 -11.33 20.94 -13.65
C CYS B 233 -11.99 20.20 -12.50
N ALA B 234 -13.31 20.12 -12.54
CA ALA B 234 -14.08 19.48 -11.49
C ALA B 234 -13.67 18.04 -11.28
N LEU B 235 -13.48 17.27 -12.35
CA LEU B 235 -13.07 15.87 -12.21
C LEU B 235 -11.78 15.72 -11.41
N GLN B 236 -10.77 16.52 -11.75
CA GLN B 236 -9.53 16.48 -11.03
C GLN B 236 -9.76 16.90 -9.57
N ALA B 237 -10.50 17.96 -9.34
CA ALA B 237 -10.74 18.46 -7.96
C ALA B 237 -11.44 17.44 -7.10
N PHE B 238 -12.49 16.83 -7.64
CA PHE B 238 -13.24 15.81 -6.92
C PHE B 238 -12.38 14.63 -6.54
N ALA B 239 -11.66 14.11 -7.53
CA ALA B 239 -10.81 12.95 -7.30
C ALA B 239 -9.73 13.23 -6.27
N ILE B 240 -9.14 14.43 -6.33
CA ILE B 240 -8.11 14.77 -5.37
C ILE B 240 -8.72 14.77 -3.97
N ALA B 241 -9.89 15.39 -3.83
CA ALA B 241 -10.60 15.38 -2.57
C ALA B 241 -10.94 13.98 -2.06
N LEU B 242 -11.36 13.10 -2.94
CA LEU B 242 -11.77 11.78 -2.51
C LEU B 242 -10.57 11.03 -1.94
N SER B 243 -9.39 11.34 -2.47
CA SER B 243 -8.17 10.70 -2.00
C SER B 243 -7.88 10.96 -0.53
N SER B 244 -8.50 12.00 0.03
CA SER B 244 -8.24 12.37 1.44
C SER B 244 -9.09 11.59 2.43
N PHE B 245 -10.02 10.80 1.93
CA PHE B 245 -10.90 10.04 2.79
C PHE B 245 -10.25 8.71 3.14
N ASP B 246 -10.60 8.17 4.30
CA ASP B 246 -9.99 6.91 4.72
C ASP B 246 -10.49 5.76 3.85
#